data_6Y7W
#
_entry.id   6Y7W
#
_cell.length_a   80.881
_cell.length_b   102.043
_cell.length_c   103.947
_cell.angle_alpha   90.000
_cell.angle_beta   90.000
_cell.angle_gamma   90.000
#
_symmetry.space_group_name_H-M   'I 2 2 2'
#
loop_
_entity.id
_entity.type
_entity.pdbx_description
1 polymer 'Mitogen-activated protein kinase 14'
2 non-polymer 4-(4-FLUOROPHENYL)-1-(4-PIPERIDINYL)-5-(2-AMINO-4-PYRIMIDINYL)-IMIDAZOLE
3 non-polymer 'CALCIUM ION'
4 non-polymer 'CHLORIDE ION'
5 non-polymer (2~{R})-~{N}-[(2-azanyl-2-adamantyl)methyl]-4-[6-[2,5-bis(oxidanylidene)pyrrolidin-1-yl]pyridin-3-yl]sulfonyl-2-methyl-morpholine-2-carboxamide
6 water water
#
_entity_poly.entity_id   1
_entity_poly.type   'polypeptide(L)'
_entity_poly.pdbx_seq_one_letter_code
;MSQERPTFYRQELNKTIWEVPERYQNLSPVGSGAYGSVCAAFDTKTGHRVAVKKLSRPFQSIIHAKRTYRELRLLKHMKH
ENVIGLLDVFTPARSLEEFNDVYLVTHLMGADLNNIVKCQKLTDDHVQFLIYQILRGLKYIHSADIIHRDLKPSNLAVNE
DSELKILDFGLARHTDDEMTGYVATRWYRAPEIMLNWMHYNQTVDIWSVGCIMAELLTGRTLFPGTDHIDQLKLILRLVG
TPGAELLKKISSESARNYIQSLAQMPKMNFANVFIGANPLAVDLLEKMLVLDSDKRITAAQALAHAYFAQYHDPDDEPVA
DPYDQSFESRDLLIDEWKSLTYDEVISFVPPPLDQEEMES
;
_entity_poly.pdbx_strand_id   A
#
loop_
_chem_comp.id
_chem_comp.type
_chem_comp.name
_chem_comp.formula
CA non-polymer 'CALCIUM ION' 'Ca 2'
CL non-polymer 'CHLORIDE ION' 'Cl -1'
OFW non-polymer (2~{R})-~{N}-[(2-azanyl-2-adamantyl)methyl]-4-[6-[2,5-bis(oxidanylidene)pyrrolidin-1-yl]pyridin-3-yl]sulfonyl-2-methyl-morpholine-2-carboxamide 'C26 H35 N5 O6 S'
SB4 non-polymer 4-(4-FLUOROPHENYL)-1-(4-PIPERIDINYL)-5-(2-AMINO-4-PYRIMIDINYL)-IMIDAZOLE 'C18 H19 F N6'
#
# COMPACT_ATOMS: atom_id res chain seq x y z
N PRO A 6 23.92 -6.28 21.14
CA PRO A 6 24.43 -5.06 20.51
C PRO A 6 24.49 -3.89 21.47
N THR A 7 25.44 -2.99 21.25
CA THR A 7 25.46 -1.72 21.94
C THR A 7 24.55 -0.75 21.20
N PHE A 8 23.71 -0.05 21.94
CA PHE A 8 22.80 0.93 21.38
C PHE A 8 23.34 2.33 21.62
N TYR A 9 22.92 3.26 20.77
CA TYR A 9 23.20 4.68 20.99
C TYR A 9 21.91 5.46 20.84
N ARG A 10 21.93 6.68 21.34
CA ARG A 10 20.77 7.55 21.31
C ARG A 10 21.02 8.75 20.39
N GLN A 11 19.98 9.14 19.65
CA GLN A 11 20.07 10.31 18.79
C GLN A 11 18.69 10.94 18.68
N GLU A 12 18.63 12.26 18.78
CA GLU A 12 17.35 12.96 18.66
C GLU A 12 17.05 13.14 17.18
N LEU A 13 15.93 12.56 16.74
CA LEU A 13 15.46 12.65 15.37
C LEU A 13 13.97 12.92 15.42
N ASN A 14 13.52 13.89 14.64
CA ASN A 14 12.12 14.30 14.65
C ASN A 14 11.65 14.67 16.05
N LYS A 15 12.49 15.40 16.78
CA LYS A 15 12.19 15.91 18.12
C LYS A 15 12.00 14.83 19.17
N THR A 16 12.48 13.61 18.93
CA THR A 16 12.38 12.56 19.94
C THR A 16 13.62 11.67 19.90
N ILE A 17 13.86 10.98 21.00
CA ILE A 17 15.08 10.16 21.11
C ILE A 17 14.84 8.82 20.43
N TRP A 18 15.70 8.49 19.47
CA TRP A 18 15.80 7.16 18.91
C TRP A 18 16.94 6.43 19.59
N GLU A 19 16.73 5.15 19.88
CA GLU A 19 17.75 4.31 20.49
C GLU A 19 17.92 3.10 19.58
N VAL A 20 19.07 3.01 18.92
CA VAL A 20 19.25 2.01 17.86
C VAL A 20 20.61 1.34 18.01
N PRO A 21 20.72 0.11 17.52
CA PRO A 21 22.00 -0.59 17.56
C PRO A 21 23.07 0.14 16.76
N GLU A 22 24.32 0.00 17.23
CA GLU A 22 25.45 0.64 16.53
C GLU A 22 25.57 0.14 15.10
N ARG A 23 24.96 -1.01 14.79
CA ARG A 23 24.93 -1.50 13.43
C ARG A 23 24.38 -0.47 12.44
N TYR A 24 23.39 0.33 12.87
CA TYR A 24 22.71 1.26 11.97
C TYR A 24 23.26 2.67 12.19
N GLN A 25 23.80 3.26 11.13
CA GLN A 25 24.51 4.53 11.26
C GLN A 25 23.94 5.56 10.31
N ASN A 26 24.25 6.83 10.58
CA ASN A 26 23.89 7.94 9.71
C ASN A 26 22.38 8.07 9.51
N LEU A 27 21.64 8.00 10.61
CA LEU A 27 20.19 8.13 10.52
C LEU A 27 19.79 9.52 10.08
N SER A 28 18.86 9.60 9.14
N SER A 28 18.81 9.59 9.18
CA SER A 28 18.33 10.90 8.77
CA SER A 28 18.34 10.84 8.60
C SER A 28 16.88 10.78 8.33
C SER A 28 16.84 10.71 8.39
N PRO A 29 16.02 11.68 8.79
CA PRO A 29 14.57 11.51 8.61
C PRO A 29 14.12 11.54 7.15
N VAL A 30 13.21 10.63 6.83
CA VAL A 30 12.65 10.54 5.49
C VAL A 30 11.13 10.46 5.53
N GLY A 31 10.53 10.90 6.62
CA GLY A 31 9.09 11.13 6.64
C GLY A 31 8.36 10.20 7.60
N SER A 32 7.07 10.49 7.75
N SER A 32 7.07 10.48 7.75
CA SER A 32 6.23 9.68 8.63
CA SER A 32 6.21 9.69 8.63
C SER A 32 5.80 8.41 7.92
C SER A 32 5.76 8.42 7.92
N GLY A 33 5.49 7.38 8.72
CA GLY A 33 4.87 6.18 8.25
C GLY A 33 3.58 5.96 9.01
N ALA A 34 2.93 4.85 8.72
CA ALA A 34 1.72 4.49 9.47
C ALA A 34 2.09 4.27 10.92
N TYR A 35 1.57 5.11 11.82
CA TYR A 35 1.78 4.97 13.26
C TYR A 35 3.23 5.17 13.68
N GLY A 36 4.03 5.86 12.88
CA GLY A 36 5.43 6.02 13.24
C GLY A 36 6.11 7.00 12.32
N SER A 37 7.42 7.09 12.46
CA SER A 37 8.24 7.94 11.61
C SER A 37 9.47 7.16 11.16
N VAL A 38 10.06 7.57 10.05
CA VAL A 38 11.05 6.75 9.35
C VAL A 38 12.34 7.52 9.15
N CYS A 39 13.46 6.85 9.37
CA CYS A 39 14.78 7.37 9.03
C CYS A 39 15.48 6.44 8.06
N ALA A 40 16.18 7.02 7.09
CA ALA A 40 17.15 6.29 6.29
C ALA A 40 18.39 6.03 7.15
N ALA A 41 19.07 4.92 6.89
CA ALA A 41 20.26 4.57 7.64
C ALA A 41 21.17 3.70 6.81
N PHE A 42 22.40 3.57 7.27
CA PHE A 42 23.40 2.69 6.67
C PHE A 42 23.58 1.49 7.58
N ASP A 43 23.36 0.29 7.05
CA ASP A 43 23.53 -0.96 7.77
C ASP A 43 25.00 -1.37 7.61
N THR A 44 25.80 -1.16 8.67
CA THR A 44 27.22 -1.48 8.58
C THR A 44 27.51 -2.98 8.51
N LYS A 45 26.53 -3.83 8.81
CA LYS A 45 26.77 -5.26 8.72
C LYS A 45 26.86 -5.71 7.26
N THR A 46 26.02 -5.13 6.41
CA THR A 46 25.92 -5.58 5.04
C THR A 46 26.29 -4.51 4.03
N GLY A 47 26.56 -3.28 4.47
CA GLY A 47 26.80 -2.20 3.54
C GLY A 47 25.58 -1.76 2.75
N HIS A 48 24.38 -2.13 3.20
CA HIS A 48 23.14 -1.79 2.50
C HIS A 48 22.48 -0.58 3.15
N ARG A 49 21.74 0.16 2.35
CA ARG A 49 20.91 1.25 2.86
C ARG A 49 19.57 0.72 3.31
N VAL A 50 19.10 1.19 4.47
CA VAL A 50 17.87 0.67 5.04
C VAL A 50 16.99 1.83 5.48
N ALA A 51 15.73 1.52 5.71
CA ALA A 51 14.80 2.45 6.32
C ALA A 51 14.36 1.87 7.65
N VAL A 52 14.41 2.67 8.70
CA VAL A 52 14.06 2.27 10.06
C VAL A 52 12.84 3.06 10.48
N LYS A 53 11.77 2.37 10.85
CA LYS A 53 10.57 3.02 11.34
C LYS A 53 10.45 2.82 12.84
N LYS A 54 10.41 3.91 13.59
N LYS A 54 10.38 3.91 13.58
CA LYS A 54 10.12 3.87 15.01
CA LYS A 54 10.13 3.88 15.01
C LYS A 54 8.62 4.03 15.20
C LYS A 54 8.63 4.05 15.24
N LEU A 55 7.98 3.04 15.81
CA LEU A 55 6.55 3.16 16.04
C LEU A 55 6.29 4.19 17.12
N SER A 56 5.23 4.98 16.95
CA SER A 56 4.93 6.02 17.90
C SER A 56 4.01 5.46 19.00
N ARG A 57 4.48 5.51 20.25
CA ARG A 57 3.74 5.06 21.43
C ARG A 57 3.03 3.73 21.18
N PRO A 58 3.78 2.66 20.87
CA PRO A 58 3.14 1.42 20.39
C PRO A 58 2.21 0.77 21.40
N PHE A 59 2.36 1.04 22.69
CA PHE A 59 1.55 0.37 23.71
C PHE A 59 0.80 1.37 24.57
N GLN A 60 0.49 2.54 24.01
CA GLN A 60 -0.19 3.60 24.76
C GLN A 60 -1.61 3.20 25.12
N SER A 61 -2.25 2.42 24.24
N SER A 61 -2.28 2.47 24.23
CA SER A 61 -3.67 2.11 24.34
CA SER A 61 -3.65 2.06 24.46
C SER A 61 -3.89 0.75 23.72
C SER A 61 -3.85 0.69 23.82
N ILE A 62 -5.08 0.17 23.97
CA ILE A 62 -5.42 -1.09 23.34
C ILE A 62 -5.42 -0.96 21.82
N ILE A 63 -5.72 0.23 21.30
CA ILE A 63 -5.72 0.43 19.86
C ILE A 63 -4.29 0.44 19.32
N HIS A 64 -3.40 1.18 19.99
CA HIS A 64 -1.99 1.15 19.58
C HIS A 64 -1.40 -0.23 19.73
N ALA A 65 -1.72 -0.92 20.83
CA ALA A 65 -1.06 -2.19 21.12
C ALA A 65 -1.44 -3.23 20.07
N LYS A 66 -2.72 -3.33 19.74
CA LYS A 66 -3.12 -4.32 18.75
C LYS A 66 -2.61 -3.94 17.36
N ARG A 67 -2.61 -2.65 17.03
CA ARG A 67 -2.09 -2.28 15.72
C ARG A 67 -0.58 -2.50 15.62
N THR A 68 0.15 -2.37 16.73
CA THR A 68 1.56 -2.73 16.72
C THR A 68 1.74 -4.21 16.41
N TYR A 69 1.01 -5.07 17.12
CA TYR A 69 1.07 -6.50 16.88
C TYR A 69 0.67 -6.82 15.45
N ARG A 70 -0.43 -6.23 14.99
CA ARG A 70 -0.91 -6.43 13.62
C ARG A 70 0.18 -6.12 12.61
N GLU A 71 0.83 -4.94 12.76
CA GLU A 71 1.81 -4.52 11.76
C GLU A 71 3.03 -5.43 11.79
N LEU A 72 3.51 -5.77 12.98
CA LEU A 72 4.67 -6.67 13.08
C LEU A 72 4.36 -8.04 12.50
N ARG A 73 3.20 -8.61 12.82
CA ARG A 73 2.82 -9.90 12.27
C ARG A 73 2.75 -9.85 10.76
N LEU A 74 2.10 -8.82 10.22
CA LEU A 74 1.95 -8.67 8.79
C LEU A 74 3.31 -8.58 8.11
N LEU A 75 4.17 -7.70 8.63
CA LEU A 75 5.44 -7.48 7.96
C LEU A 75 6.36 -8.69 8.09
N LYS A 76 6.27 -9.45 9.17
CA LYS A 76 7.04 -10.68 9.27
C LYS A 76 6.59 -11.71 8.25
N HIS A 77 5.35 -11.63 7.79
CA HIS A 77 4.84 -12.60 6.83
C HIS A 77 5.14 -12.25 5.39
N MET A 78 5.31 -10.96 5.09
CA MET A 78 5.39 -10.50 3.70
C MET A 78 6.77 -10.74 3.16
N LYS A 79 6.89 -11.64 2.17
CA LYS A 79 8.16 -12.01 1.55
C LYS A 79 7.97 -11.99 0.03
N HIS A 80 8.02 -10.79 -0.55
CA HIS A 80 7.76 -10.58 -1.96
C HIS A 80 8.47 -9.33 -2.42
N GLU A 81 9.02 -9.35 -3.64
CA GLU A 81 9.87 -8.24 -4.08
C GLU A 81 9.13 -6.93 -4.30
N ASN A 82 7.80 -6.95 -4.39
CA ASN A 82 7.00 -5.75 -4.58
C ASN A 82 6.15 -5.43 -3.37
N VAL A 83 6.52 -5.94 -2.19
CA VAL A 83 5.79 -5.69 -0.95
C VAL A 83 6.83 -5.39 0.13
N ILE A 84 6.58 -4.36 0.94
CA ILE A 84 7.48 -4.07 2.05
C ILE A 84 7.50 -5.25 3.00
N GLY A 85 8.69 -5.71 3.34
CA GLY A 85 8.87 -6.73 4.36
C GLY A 85 10.03 -6.34 5.27
N LEU A 86 10.50 -7.26 6.11
CA LEU A 86 11.41 -6.91 7.19
C LEU A 86 12.80 -7.48 6.98
N LEU A 87 13.81 -6.64 7.16
CA LEU A 87 15.18 -7.09 7.29
C LEU A 87 15.54 -7.32 8.75
N ASP A 88 14.88 -6.58 9.64
CA ASP A 88 15.23 -6.61 11.06
C ASP A 88 14.08 -5.98 11.82
N VAL A 89 13.99 -6.33 13.11
CA VAL A 89 13.12 -5.65 14.05
C VAL A 89 13.85 -5.65 15.38
N PHE A 90 13.86 -4.51 16.05
CA PHE A 90 14.66 -4.40 17.27
C PHE A 90 13.97 -3.53 18.30
N THR A 91 14.44 -3.68 19.54
CA THR A 91 13.98 -2.88 20.64
C THR A 91 15.16 -2.68 21.58
N PRO A 92 15.29 -1.50 22.19
CA PRO A 92 16.33 -1.32 23.21
C PRO A 92 16.03 -2.07 24.49
N ALA A 93 14.82 -2.59 24.65
CA ALA A 93 14.46 -3.29 25.88
C ALA A 93 15.27 -4.56 26.06
N ARG A 94 15.69 -4.80 27.30
CA ARG A 94 16.38 -6.03 27.63
C ARG A 94 15.44 -7.11 28.13
N SER A 95 14.16 -6.78 28.35
N SER A 95 14.18 -6.78 28.39
CA SER A 95 13.19 -7.72 28.88
CA SER A 95 13.19 -7.78 28.76
C SER A 95 11.80 -7.19 28.57
C SER A 95 11.81 -7.20 28.53
N LEU A 96 10.80 -8.06 28.70
CA LEU A 96 9.42 -7.65 28.48
C LEU A 96 9.01 -6.52 29.42
N GLU A 97 9.54 -6.55 30.65
CA GLU A 97 9.20 -5.53 31.64
C GLU A 97 9.69 -4.14 31.23
N GLU A 98 10.73 -4.07 30.41
CA GLU A 98 11.30 -2.83 29.90
C GLU A 98 10.77 -2.44 28.54
N PHE A 99 9.89 -3.27 27.95
CA PHE A 99 9.59 -3.19 26.52
C PHE A 99 8.54 -2.11 26.26
N ASN A 100 8.94 -1.06 25.55
CA ASN A 100 8.03 0.03 25.24
C ASN A 100 8.27 0.66 23.87
N ASP A 101 9.24 0.17 23.10
CA ASP A 101 9.56 0.77 21.81
C ASP A 101 9.89 -0.33 20.81
N VAL A 102 9.45 -0.13 19.57
CA VAL A 102 9.58 -1.11 18.50
C VAL A 102 10.10 -0.38 17.26
N TYR A 103 11.15 -0.93 16.64
CA TYR A 103 11.70 -0.37 15.41
C TYR A 103 11.71 -1.46 14.36
N LEU A 104 11.22 -1.11 13.16
CA LEU A 104 11.11 -2.03 12.03
C LEU A 104 12.07 -1.57 10.94
N VAL A 105 12.79 -2.51 10.32
CA VAL A 105 13.83 -2.19 9.34
C VAL A 105 13.50 -2.86 8.02
N THR A 106 13.54 -2.10 6.92
CA THR A 106 13.33 -2.65 5.58
C THR A 106 14.36 -2.04 4.64
N HIS A 107 14.45 -2.55 3.40
CA HIS A 107 15.41 -1.94 2.48
C HIS A 107 14.97 -0.50 2.13
N LEU A 108 15.94 0.41 1.99
CA LEU A 108 15.61 1.79 1.70
C LEU A 108 15.05 1.96 0.30
N MET A 109 13.93 2.69 0.20
CA MET A 109 13.32 3.10 -1.06
C MET A 109 13.24 4.62 -1.06
N GLY A 110 13.73 5.24 -2.11
CA GLY A 110 14.02 6.67 -2.06
C GLY A 110 12.82 7.59 -2.11
N ALA A 111 11.69 7.15 -2.66
CA ALA A 111 10.63 8.06 -3.04
C ALA A 111 9.29 7.34 -2.97
N ASP A 112 8.23 8.04 -3.34
CA ASP A 112 6.94 7.41 -3.60
C ASP A 112 6.54 7.65 -5.05
N LEU A 113 5.44 7.06 -5.47
CA LEU A 113 5.08 7.11 -6.87
C LEU A 113 4.81 8.54 -7.35
N ASN A 114 4.37 9.43 -6.45
CA ASN A 114 4.21 10.83 -6.82
C ASN A 114 5.53 11.44 -7.30
N ASN A 115 6.67 10.99 -6.78
N ASN A 115 6.67 10.94 -6.80
CA ASN A 115 7.95 11.53 -7.24
CA ASN A 115 8.01 11.42 -7.14
C ASN A 115 8.29 11.06 -8.65
C ASN A 115 8.74 10.53 -8.14
N ILE A 116 7.67 9.97 -9.11
N ILE A 116 8.04 9.66 -8.87
CA ILE A 116 7.97 9.45 -10.44
CA ILE A 116 8.72 8.70 -9.74
C ILE A 116 7.26 10.25 -11.51
C ILE A 116 9.66 9.44 -10.68
N VAL A 117 5.94 10.44 -11.36
N VAL A 117 10.89 8.92 -10.80
CA VAL A 117 5.12 10.95 -12.44
CA VAL A 117 11.87 9.55 -11.69
C VAL A 117 5.17 12.46 -12.53
C VAL A 117 11.39 9.43 -13.13
N LYS A 118 5.47 13.15 -11.43
N LYS A 118 11.57 10.52 -13.89
CA LYS A 118 5.19 14.57 -11.36
CA LYS A 118 11.08 10.58 -15.26
C LYS A 118 6.04 15.38 -12.33
C LYS A 118 11.88 11.65 -15.99
N CYS A 119 7.34 15.08 -12.41
N CYS A 119 11.85 11.57 -17.31
CA CYS A 119 8.26 15.88 -13.24
CA CYS A 119 12.41 12.61 -18.17
C CYS A 119 8.77 15.10 -14.45
C CYS A 119 11.23 13.23 -18.92
N GLN A 120 8.02 14.11 -14.90
N GLN A 120 10.71 14.33 -18.37
CA GLN A 120 8.53 13.13 -15.86
CA GLN A 120 9.56 15.05 -18.91
C GLN A 120 7.41 12.76 -16.81
C GLN A 120 8.23 14.30 -18.77
N LYS A 121 7.63 12.96 -18.10
N LYS A 121 8.10 13.12 -19.38
CA LYS A 121 6.76 12.39 -19.11
CA LYS A 121 6.86 12.36 -19.31
C LYS A 121 7.14 10.92 -19.26
C LYS A 121 7.16 10.86 -19.35
N LEU A 122 6.30 10.06 -18.73
CA LEU A 122 6.56 8.62 -18.69
C LEU A 122 6.26 7.99 -20.05
N THR A 123 7.11 7.05 -20.46
CA THR A 123 6.79 6.25 -21.62
C THR A 123 5.79 5.18 -21.24
N ASP A 124 5.11 4.65 -22.26
CA ASP A 124 4.16 3.56 -22.00
C ASP A 124 4.86 2.33 -21.45
N ASP A 125 6.09 2.04 -21.91
CA ASP A 125 6.80 0.88 -21.39
C ASP A 125 7.09 1.03 -19.91
N HIS A 126 7.34 2.27 -19.47
CA HIS A 126 7.64 2.53 -18.07
C HIS A 126 6.36 2.45 -17.23
N VAL A 127 5.25 2.98 -17.76
CA VAL A 127 3.97 2.83 -17.08
C VAL A 127 3.63 1.36 -16.88
N GLN A 128 3.79 0.56 -17.94
CA GLN A 128 3.57 -0.88 -17.83
C GLN A 128 4.33 -1.47 -16.66
N PHE A 129 5.62 -1.12 -16.54
CA PHE A 129 6.46 -1.69 -15.49
C PHE A 129 5.95 -1.28 -14.10
N LEU A 130 5.57 0.00 -13.95
CA LEU A 130 5.10 0.45 -12.64
C LEU A 130 3.80 -0.25 -12.25
N ILE A 131 2.84 -0.30 -13.16
CA ILE A 131 1.55 -0.94 -12.85
C ILE A 131 1.72 -2.44 -12.68
N TYR A 132 2.56 -3.06 -13.51
CA TYR A 132 2.84 -4.49 -13.37
C TYR A 132 3.28 -4.84 -11.97
N GLN A 133 4.22 -4.04 -11.41
CA GLN A 133 4.75 -4.31 -10.09
C GLN A 133 3.69 -4.15 -9.02
N ILE A 134 2.84 -3.13 -9.12
CA ILE A 134 1.74 -3.00 -8.16
C ILE A 134 0.88 -4.25 -8.19
N LEU A 135 0.52 -4.70 -9.40
CA LEU A 135 -0.34 -5.87 -9.52
C LEU A 135 0.33 -7.14 -9.01
N ARG A 136 1.63 -7.29 -9.23
CA ARG A 136 2.34 -8.46 -8.71
C ARG A 136 2.30 -8.48 -7.19
N GLY A 137 2.53 -7.33 -6.56
CA GLY A 137 2.42 -7.25 -5.11
C GLY A 137 1.01 -7.51 -4.63
N LEU A 138 0.01 -6.97 -5.33
CA LEU A 138 -1.39 -7.20 -4.95
C LEU A 138 -1.76 -8.67 -5.08
N LYS A 139 -1.32 -9.35 -6.15
CA LYS A 139 -1.64 -10.78 -6.25
C LYS A 139 -1.15 -11.51 -5.01
N TYR A 140 0.06 -11.18 -4.57
CA TYR A 140 0.63 -11.81 -3.39
C TYR A 140 -0.18 -11.50 -2.14
N ILE A 141 -0.40 -10.21 -1.83
CA ILE A 141 -1.11 -9.93 -0.58
C ILE A 141 -2.54 -10.46 -0.62
N HIS A 142 -3.22 -10.30 -1.77
CA HIS A 142 -4.59 -10.81 -1.87
C HIS A 142 -4.65 -12.31 -1.66
N SER A 143 -3.62 -13.05 -2.08
CA SER A 143 -3.64 -14.50 -1.93
C SER A 143 -3.57 -14.92 -0.47
N ALA A 144 -3.12 -14.03 0.42
CA ALA A 144 -3.12 -14.28 1.86
C ALA A 144 -4.35 -13.66 2.55
N ASP A 145 -5.37 -13.29 1.77
CA ASP A 145 -6.57 -12.63 2.28
C ASP A 145 -6.24 -11.34 3.02
N ILE A 146 -5.26 -10.60 2.48
CA ILE A 146 -4.89 -9.28 2.97
C ILE A 146 -5.25 -8.27 1.88
N ILE A 147 -6.00 -7.24 2.25
CA ILE A 147 -6.40 -6.19 1.32
C ILE A 147 -5.75 -4.89 1.79
N HIS A 148 -5.41 -4.02 0.83
CA HIS A 148 -4.85 -2.74 1.22
C HIS A 148 -5.93 -1.80 1.73
N ARG A 149 -6.94 -1.54 0.88
CA ARG A 149 -8.09 -0.66 1.16
C ARG A 149 -7.82 0.83 1.01
N ASP A 150 -6.55 1.25 0.99
CA ASP A 150 -6.26 2.66 0.78
C ASP A 150 -5.03 2.80 -0.10
N LEU A 151 -5.00 2.05 -1.19
CA LEU A 151 -3.88 2.09 -2.11
C LEU A 151 -3.86 3.41 -2.87
N LYS A 152 -2.68 4.03 -2.95
CA LYS A 152 -2.58 5.35 -3.56
C LYS A 152 -1.10 5.61 -3.84
N PRO A 153 -0.74 6.61 -4.64
CA PRO A 153 0.69 6.82 -4.94
C PRO A 153 1.55 6.99 -3.70
N SER A 154 1.05 7.64 -2.64
CA SER A 154 1.88 7.85 -1.46
C SER A 154 2.10 6.59 -0.65
N ASN A 155 1.37 5.50 -0.95
CA ASN A 155 1.58 4.20 -0.34
C ASN A 155 2.32 3.24 -1.24
N LEU A 156 3.00 3.77 -2.26
CA LEU A 156 3.81 2.97 -3.16
C LEU A 156 5.24 3.50 -3.08
N ALA A 157 6.12 2.76 -2.42
CA ALA A 157 7.51 3.17 -2.31
C ALA A 157 8.25 2.81 -3.58
N VAL A 158 9.07 3.73 -4.07
CA VAL A 158 9.79 3.49 -5.32
C VAL A 158 11.24 3.89 -5.13
N ASN A 159 12.12 3.22 -5.85
CA ASN A 159 13.52 3.59 -5.76
C ASN A 159 13.99 4.24 -7.06
N GLU A 160 15.30 4.50 -7.15
CA GLU A 160 15.84 5.26 -8.25
C GLU A 160 15.83 4.49 -9.57
N ASP A 161 15.55 3.18 -9.52
CA ASP A 161 15.42 2.36 -10.71
C ASP A 161 13.97 1.97 -10.98
N SER A 162 13.02 2.69 -10.38
CA SER A 162 11.59 2.48 -10.60
C SER A 162 11.09 1.15 -10.06
N GLU A 163 11.87 0.50 -9.20
CA GLU A 163 11.36 -0.68 -8.52
C GLU A 163 10.42 -0.20 -7.42
N LEU A 164 9.33 -0.93 -7.23
CA LEU A 164 8.21 -0.44 -6.45
C LEU A 164 7.81 -1.49 -5.41
N LYS A 165 7.41 -1.02 -4.22
CA LYS A 165 6.85 -1.90 -3.19
C LYS A 165 5.60 -1.28 -2.59
N ILE A 166 4.60 -2.13 -2.32
CA ILE A 166 3.38 -1.68 -1.65
C ILE A 166 3.64 -1.59 -0.16
N LEU A 167 3.15 -0.53 0.46
CA LEU A 167 3.27 -0.42 1.90
C LEU A 167 1.99 0.10 2.53
N ASP A 168 1.93 -0.09 3.83
CA ASP A 168 0.81 0.33 4.66
C ASP A 168 -0.49 -0.38 4.26
N PHE A 169 -0.37 -1.61 3.76
CA PHE A 169 -1.51 -2.48 3.48
C PHE A 169 -1.95 -3.17 4.77
N GLY A 170 -3.20 -3.64 4.76
CA GLY A 170 -3.71 -4.45 5.87
C GLY A 170 -3.81 -3.73 7.19
N LEU A 171 -3.80 -2.41 7.20
CA LEU A 171 -3.86 -1.65 8.44
C LEU A 171 -5.18 -0.88 8.52
N TYR A 182 -4.55 14.57 10.58
CA TYR A 182 -4.23 13.84 9.36
C TYR A 182 -5.46 13.70 8.46
N VAL A 183 -5.45 14.38 7.32
CA VAL A 183 -6.50 14.26 6.32
C VAL A 183 -5.93 13.53 5.11
N ALA A 184 -6.52 12.38 4.78
CA ALA A 184 -6.00 11.55 3.70
C ALA A 184 -6.71 11.88 2.40
N THR A 185 -6.00 11.69 1.30
N THR A 185 -6.00 11.71 1.30
CA THR A 185 -6.59 11.74 -0.02
CA THR A 185 -6.67 11.83 0.02
C THR A 185 -7.57 10.58 -0.20
C THR A 185 -7.55 10.61 -0.24
N ARG A 186 -8.74 10.87 -0.76
CA ARG A 186 -9.72 9.85 -1.10
C ARG A 186 -9.79 9.58 -2.59
N TRP A 187 -9.00 10.29 -3.39
CA TRP A 187 -9.13 10.28 -4.83
C TRP A 187 -8.92 8.90 -5.45
N TYR A 188 -8.24 7.99 -4.74
CA TYR A 188 -7.93 6.66 -5.28
C TYR A 188 -8.72 5.55 -4.63
N ARG A 189 -9.59 5.89 -3.67
CA ARG A 189 -10.29 4.87 -2.91
C ARG A 189 -11.42 4.29 -3.74
N ALA A 190 -11.65 2.99 -3.58
CA ALA A 190 -12.76 2.37 -4.26
C ALA A 190 -14.06 2.99 -3.76
N PRO A 191 -15.04 3.21 -4.63
CA PRO A 191 -16.30 3.83 -4.18
C PRO A 191 -16.92 3.10 -3.00
N GLU A 192 -16.88 1.77 -3.01
CA GLU A 192 -17.48 1.00 -1.92
C GLU A 192 -16.78 1.24 -0.59
N ILE A 193 -15.50 1.64 -0.61
CA ILE A 193 -14.77 1.99 0.61
C ILE A 193 -15.06 3.42 1.02
N MET A 194 -14.90 4.35 0.08
CA MET A 194 -15.10 5.76 0.37
C MET A 194 -16.50 6.04 0.90
N LEU A 195 -17.50 5.30 0.44
CA LEU A 195 -18.89 5.54 0.81
C LEU A 195 -19.42 4.52 1.80
N ASN A 196 -18.57 3.63 2.32
CA ASN A 196 -18.95 2.72 3.40
C ASN A 196 -20.06 1.76 2.97
N TRP A 197 -19.95 1.21 1.77
CA TRP A 197 -20.96 0.27 1.31
C TRP A 197 -20.80 -1.06 2.03
N MET A 198 -21.89 -1.85 2.01
CA MET A 198 -22.02 -2.97 2.94
C MET A 198 -21.10 -4.15 2.61
N HIS A 199 -20.70 -4.30 1.35
CA HIS A 199 -19.90 -5.44 0.94
C HIS A 199 -18.78 -4.97 0.02
N TYR A 200 -17.61 -5.58 0.18
CA TYR A 200 -16.50 -5.33 -0.73
C TYR A 200 -15.58 -6.54 -0.74
N ASN A 201 -14.77 -6.63 -1.80
CA ASN A 201 -13.80 -7.71 -1.90
C ASN A 201 -12.41 -7.16 -2.19
N GLN A 202 -11.48 -8.05 -2.51
CA GLN A 202 -10.10 -7.63 -2.74
C GLN A 202 -9.98 -6.67 -3.91
N THR A 203 -10.95 -6.66 -4.83
CA THR A 203 -10.82 -5.78 -5.98
C THR A 203 -11.00 -4.30 -5.64
N VAL A 204 -11.29 -3.94 -4.37
CA VAL A 204 -11.19 -2.53 -4.01
C VAL A 204 -9.84 -1.97 -4.42
N ASP A 205 -8.78 -2.80 -4.32
CA ASP A 205 -7.46 -2.30 -4.63
C ASP A 205 -7.26 -2.13 -6.13
N ILE A 206 -8.03 -2.88 -6.93
CA ILE A 206 -7.93 -2.79 -8.39
C ILE A 206 -8.51 -1.47 -8.87
N TRP A 207 -9.60 -1.00 -8.25
CA TRP A 207 -10.09 0.34 -8.56
C TRP A 207 -8.96 1.36 -8.37
N SER A 208 -8.26 1.25 -7.25
CA SER A 208 -7.14 2.15 -6.96
C SER A 208 -6.07 2.09 -8.04
N VAL A 209 -5.70 0.88 -8.47
CA VAL A 209 -4.74 0.73 -9.56
C VAL A 209 -5.23 1.46 -10.81
N GLY A 210 -6.51 1.31 -11.14
CA GLY A 210 -7.04 2.03 -12.30
C GLY A 210 -6.89 3.53 -12.16
N CYS A 211 -7.20 4.07 -10.98
CA CYS A 211 -7.03 5.50 -10.75
C CYS A 211 -5.57 5.90 -10.89
N ILE A 212 -4.66 5.09 -10.38
CA ILE A 212 -3.23 5.41 -10.46
C ILE A 212 -2.76 5.35 -11.90
N MET A 213 -3.12 4.27 -12.59
CA MET A 213 -2.70 4.09 -13.98
C MET A 213 -3.19 5.21 -14.86
N ALA A 214 -4.46 5.62 -14.70
CA ALA A 214 -4.99 6.73 -15.48
C ALA A 214 -4.14 7.97 -15.30
N GLU A 215 -3.76 8.26 -14.05
CA GLU A 215 -2.93 9.43 -13.76
C GLU A 215 -1.52 9.31 -14.34
N LEU A 216 -0.97 8.10 -14.40
CA LEU A 216 0.33 7.93 -15.06
C LEU A 216 0.22 8.19 -16.57
N LEU A 217 -0.94 7.92 -17.16
CA LEU A 217 -1.09 8.11 -18.60
C LEU A 217 -1.35 9.56 -18.97
N THR A 218 -2.06 10.31 -18.12
CA THR A 218 -2.46 11.67 -18.45
C THR A 218 -1.70 12.74 -17.68
N GLY A 219 -1.07 12.38 -16.57
CA GLY A 219 -0.46 13.36 -15.71
C GLY A 219 -1.41 14.05 -14.75
N ARG A 220 -2.68 13.68 -14.75
CA ARG A 220 -3.70 14.37 -13.98
C ARG A 220 -4.52 13.38 -13.18
N THR A 221 -4.90 13.78 -11.97
CA THR A 221 -5.78 12.98 -11.15
C THR A 221 -7.09 12.70 -11.90
N LEU A 222 -7.54 11.45 -11.82
CA LEU A 222 -8.73 11.04 -12.57
C LEU A 222 -10.01 11.57 -11.94
N PHE A 223 -10.14 11.45 -10.62
CA PHE A 223 -11.37 11.85 -9.92
C PHE A 223 -11.03 12.80 -8.79
N PRO A 224 -10.63 14.04 -9.09
CA PRO A 224 -10.21 14.97 -8.03
C PRO A 224 -11.38 15.68 -7.35
N GLY A 225 -12.23 14.90 -6.68
CA GLY A 225 -13.40 15.49 -6.05
C GLY A 225 -13.06 16.27 -4.80
N THR A 226 -13.83 17.33 -4.55
CA THR A 226 -13.63 18.17 -3.37
C THR A 226 -14.24 17.56 -2.11
N ASP A 227 -15.26 16.73 -2.26
CA ASP A 227 -15.84 15.98 -1.15
C ASP A 227 -16.32 14.64 -1.71
N HIS A 228 -16.92 13.82 -0.85
CA HIS A 228 -17.30 12.48 -1.30
C HIS A 228 -18.40 12.52 -2.35
N ILE A 229 -19.30 13.52 -2.29
CA ILE A 229 -20.37 13.61 -3.28
C ILE A 229 -19.83 14.08 -4.62
N ASP A 230 -18.97 15.12 -4.60
CA ASP A 230 -18.32 15.58 -5.83
C ASP A 230 -17.53 14.46 -6.47
N GLN A 231 -16.80 13.68 -5.67
CA GLN A 231 -16.02 12.59 -6.22
C GLN A 231 -16.91 11.52 -6.85
N LEU A 232 -18.01 11.17 -6.19
CA LEU A 232 -18.92 10.19 -6.77
C LEU A 232 -19.49 10.69 -8.09
N LYS A 233 -19.85 11.97 -8.16
CA LYS A 233 -20.34 12.54 -9.41
C LYS A 233 -19.31 12.45 -10.52
N LEU A 234 -18.04 12.73 -10.20
CA LEU A 234 -16.99 12.57 -11.21
C LEU A 234 -16.90 11.11 -11.66
N ILE A 235 -16.97 10.19 -10.70
CA ILE A 235 -16.86 8.77 -11.03
C ILE A 235 -17.99 8.35 -11.95
N LEU A 236 -19.21 8.76 -11.62
CA LEU A 236 -20.37 8.36 -12.42
C LEU A 236 -20.32 8.97 -13.82
N ARG A 237 -19.70 10.14 -13.98
CA ARG A 237 -19.58 10.72 -15.31
C ARG A 237 -18.71 9.87 -16.22
N LEU A 238 -17.69 9.18 -15.67
CA LEU A 238 -16.86 8.31 -16.47
C LEU A 238 -17.52 6.96 -16.69
N VAL A 239 -18.02 6.33 -15.63
CA VAL A 239 -18.42 4.93 -15.70
C VAL A 239 -19.92 4.74 -15.93
N GLY A 240 -20.71 5.80 -15.83
CA GLY A 240 -22.13 5.71 -16.05
C GLY A 240 -22.91 5.47 -14.76
N THR A 241 -24.20 5.81 -14.82
CA THR A 241 -25.11 5.61 -13.72
C THR A 241 -25.20 4.12 -13.39
N PRO A 242 -25.20 3.74 -12.12
CA PRO A 242 -25.29 2.32 -11.78
C PRO A 242 -26.73 1.82 -11.87
N GLY A 243 -26.85 0.51 -12.00
CA GLY A 243 -28.15 -0.11 -11.96
C GLY A 243 -28.66 -0.26 -10.55
N ALA A 244 -29.94 -0.63 -10.47
CA ALA A 244 -30.58 -0.84 -9.18
C ALA A 244 -29.84 -1.88 -8.35
N GLU A 245 -29.24 -2.88 -9.01
CA GLU A 245 -28.53 -3.93 -8.27
C GLU A 245 -27.45 -3.35 -7.38
N LEU A 246 -26.78 -2.28 -7.83
CA LEU A 246 -25.73 -1.68 -7.00
C LEU A 246 -26.30 -1.10 -5.72
N LEU A 247 -27.54 -0.60 -5.75
CA LEU A 247 -28.14 -0.04 -4.54
C LEU A 247 -28.22 -1.08 -3.43
N LYS A 248 -28.28 -2.37 -3.80
CA LYS A 248 -28.29 -3.46 -2.82
C LYS A 248 -27.23 -3.29 -1.75
N LYS A 249 -26.09 -2.71 -2.12
CA LYS A 249 -24.89 -2.63 -1.29
C LYS A 249 -24.89 -1.45 -0.33
N ILE A 250 -25.85 -0.53 -0.46
CA ILE A 250 -25.79 0.76 0.20
C ILE A 250 -26.81 0.77 1.34
N SER A 251 -26.34 0.88 2.57
CA SER A 251 -27.26 0.79 3.70
C SER A 251 -28.16 2.03 3.79
N SER A 252 -27.55 3.22 3.68
CA SER A 252 -28.27 4.45 3.98
C SER A 252 -29.36 4.73 2.93
N GLU A 253 -30.60 4.89 3.39
CA GLU A 253 -31.68 5.20 2.46
C GLU A 253 -31.49 6.56 1.80
N SER A 254 -31.03 7.56 2.56
CA SER A 254 -30.82 8.88 1.97
C SER A 254 -29.76 8.82 0.88
N ALA A 255 -28.72 8.01 1.09
CA ALA A 255 -27.71 7.86 0.04
C ALA A 255 -28.29 7.17 -1.19
N ARG A 256 -29.06 6.09 -0.98
CA ARG A 256 -29.65 5.40 -2.13
C ARG A 256 -30.60 6.32 -2.88
N ASN A 257 -31.46 7.03 -2.14
CA ASN A 257 -32.40 7.95 -2.77
C ASN A 257 -31.67 9.01 -3.58
N TYR A 258 -30.55 9.50 -3.05
CA TYR A 258 -29.80 10.52 -3.76
C TYR A 258 -29.23 9.97 -5.07
N ILE A 259 -28.53 8.83 -5.00
CA ILE A 259 -27.94 8.26 -6.20
C ILE A 259 -29.03 7.95 -7.23
N GLN A 260 -30.11 7.35 -6.77
CA GLN A 260 -31.22 7.00 -7.65
C GLN A 260 -31.81 8.23 -8.31
N SER A 261 -31.76 9.39 -7.63
CA SER A 261 -32.34 10.63 -8.15
C SER A 261 -31.46 11.31 -9.19
N LEU A 262 -30.17 10.99 -9.24
CA LEU A 262 -29.29 11.67 -10.19
C LEU A 262 -29.71 11.39 -11.62
N ALA A 263 -29.50 12.39 -12.49
CA ALA A 263 -29.81 12.22 -13.90
C ALA A 263 -28.96 11.10 -14.48
N GLN A 264 -29.59 10.29 -15.33
CA GLN A 264 -28.91 9.13 -15.88
C GLN A 264 -27.78 9.56 -16.80
N MET A 265 -26.62 8.91 -16.65
CA MET A 265 -25.49 9.22 -17.49
C MET A 265 -24.94 7.96 -18.14
N PRO A 266 -24.56 8.03 -19.41
CA PRO A 266 -23.99 6.86 -20.07
C PRO A 266 -22.53 6.70 -19.67
N LYS A 267 -22.08 5.45 -19.76
CA LYS A 267 -20.65 5.19 -19.63
C LYS A 267 -19.91 5.83 -20.80
N MET A 268 -18.78 6.45 -20.51
CA MET A 268 -17.94 6.97 -21.57
C MET A 268 -17.11 5.85 -22.18
N ASN A 269 -16.82 5.96 -23.48
CA ASN A 269 -15.85 5.07 -24.10
C ASN A 269 -14.47 5.59 -23.71
N PHE A 270 -13.70 4.77 -22.99
CA PHE A 270 -12.43 5.27 -22.47
C PHE A 270 -11.45 5.62 -23.58
N ALA A 271 -11.64 5.07 -24.79
CA ALA A 271 -10.80 5.44 -25.93
C ALA A 271 -10.95 6.91 -26.30
N ASN A 272 -12.08 7.53 -25.98
CA ASN A 272 -12.28 8.96 -26.17
C ASN A 272 -11.81 9.78 -24.98
N VAL A 273 -11.31 9.14 -23.94
CA VAL A 273 -10.88 9.80 -22.71
C VAL A 273 -9.36 9.84 -22.62
N PHE A 274 -8.72 8.71 -22.88
CA PHE A 274 -7.26 8.58 -22.78
C PHE A 274 -6.71 8.63 -24.20
N ILE A 275 -6.46 9.85 -24.67
CA ILE A 275 -6.16 10.09 -26.08
C ILE A 275 -4.69 9.79 -26.34
N GLY A 276 -4.42 9.02 -27.39
CA GLY A 276 -3.07 8.66 -27.72
C GLY A 276 -2.46 7.59 -26.84
N ALA A 277 -3.27 6.93 -26.03
CA ALA A 277 -2.77 5.87 -25.16
C ALA A 277 -2.73 4.55 -25.92
N ASN A 278 -1.84 3.68 -25.47
CA ASN A 278 -1.79 2.30 -25.96
C ASN A 278 -3.20 1.71 -25.86
N PRO A 279 -3.77 1.18 -26.95
CA PRO A 279 -5.12 0.62 -26.84
C PRO A 279 -5.23 -0.50 -25.81
N LEU A 280 -4.13 -1.21 -25.54
CA LEU A 280 -4.14 -2.22 -24.49
C LEU A 280 -4.25 -1.59 -23.11
N ALA A 281 -3.67 -0.41 -22.93
CA ALA A 281 -3.82 0.29 -21.66
C ALA A 281 -5.27 0.71 -21.46
N VAL A 282 -5.91 1.19 -22.52
CA VAL A 282 -7.30 1.61 -22.41
C VAL A 282 -8.18 0.43 -22.08
N ASP A 283 -7.93 -0.72 -22.72
CA ASP A 283 -8.71 -1.91 -22.45
C ASP A 283 -8.56 -2.36 -21.00
N LEU A 284 -7.33 -2.31 -20.48
CA LEU A 284 -7.14 -2.69 -19.08
C LEU A 284 -7.87 -1.73 -18.16
N LEU A 285 -7.81 -0.43 -18.43
CA LEU A 285 -8.53 0.55 -17.61
C LEU A 285 -10.02 0.25 -17.60
N GLU A 286 -10.58 -0.16 -18.74
CA GLU A 286 -12.00 -0.49 -18.80
C GLU A 286 -12.35 -1.66 -17.90
N LYS A 287 -11.42 -2.59 -17.72
CA LYS A 287 -11.63 -3.76 -16.88
C LYS A 287 -11.41 -3.49 -15.40
N MET A 288 -10.68 -2.41 -15.06
CA MET A 288 -10.44 -2.08 -13.67
C MET A 288 -11.45 -1.09 -13.11
N LEU A 289 -11.84 -0.11 -13.92
CA LEU A 289 -12.67 1.00 -13.45
C LEU A 289 -14.15 0.72 -13.69
N VAL A 290 -14.64 -0.32 -13.03
CA VAL A 290 -16.03 -0.74 -13.09
C VAL A 290 -16.59 -0.65 -11.68
N LEU A 291 -17.81 -0.12 -11.55
CA LEU A 291 -18.43 -0.01 -10.24
C LEU A 291 -18.74 -1.38 -9.64
N ASP A 292 -19.17 -2.32 -10.48
CA ASP A 292 -19.51 -3.67 -10.03
C ASP A 292 -18.24 -4.39 -9.61
N SER A 293 -17.99 -4.43 -8.29
CA SER A 293 -16.75 -5.04 -7.81
C SER A 293 -16.71 -6.54 -8.05
N ASP A 294 -17.85 -7.19 -8.33
CA ASP A 294 -17.81 -8.59 -8.73
C ASP A 294 -17.46 -8.79 -10.20
N LYS A 295 -17.50 -7.72 -11.01
CA LYS A 295 -17.09 -7.76 -12.40
C LYS A 295 -15.73 -7.10 -12.62
N ARG A 296 -15.12 -6.56 -11.57
CA ARG A 296 -13.80 -5.96 -11.69
C ARG A 296 -12.73 -7.06 -11.87
N ILE A 297 -11.75 -6.79 -12.72
CA ILE A 297 -10.66 -7.73 -12.92
C ILE A 297 -9.85 -7.90 -11.62
N THR A 298 -9.35 -9.11 -11.39
CA THR A 298 -8.51 -9.39 -10.24
C THR A 298 -7.05 -9.09 -10.56
N ALA A 299 -6.21 -9.04 -9.52
CA ALA A 299 -4.79 -8.79 -9.76
C ALA A 299 -4.17 -9.90 -10.62
N ALA A 300 -4.47 -11.16 -10.30
CA ALA A 300 -3.90 -12.25 -11.09
C ALA A 300 -4.39 -12.21 -12.55
N GLN A 301 -5.66 -11.87 -12.75
CA GLN A 301 -6.14 -11.76 -14.12
C GLN A 301 -5.46 -10.63 -14.86
N ALA A 302 -5.25 -9.50 -14.17
CA ALA A 302 -4.62 -8.34 -14.81
C ALA A 302 -3.19 -8.64 -15.23
N LEU A 303 -2.46 -9.45 -14.44
CA LEU A 303 -1.09 -9.79 -14.78
C LEU A 303 -1.00 -10.54 -16.11
N ALA A 304 -2.07 -11.24 -16.48
CA ALA A 304 -2.12 -11.99 -17.73
C ALA A 304 -2.54 -11.14 -18.92
N HIS A 305 -2.97 -9.90 -18.68
CA HIS A 305 -3.44 -9.03 -19.76
C HIS A 305 -2.29 -8.68 -20.69
N ALA A 306 -2.60 -8.57 -21.99
CA ALA A 306 -1.56 -8.34 -22.97
C ALA A 306 -0.79 -7.02 -22.77
N TYR A 307 -1.36 -6.05 -22.06
CA TYR A 307 -0.65 -4.81 -21.76
C TYR A 307 0.71 -5.08 -21.12
N PHE A 308 0.83 -6.15 -20.33
CA PHE A 308 2.05 -6.45 -19.59
C PHE A 308 2.86 -7.56 -20.24
N ALA A 309 2.61 -7.87 -21.51
CA ALA A 309 3.21 -9.04 -22.14
C ALA A 309 4.72 -9.07 -22.00
N GLN A 310 5.39 -7.92 -22.14
CA GLN A 310 6.85 -7.94 -22.10
C GLN A 310 7.39 -8.19 -20.69
N TYR A 311 6.57 -8.04 -19.66
CA TYR A 311 7.00 -8.25 -18.29
C TYR A 311 6.48 -9.54 -17.67
N HIS A 312 5.32 -10.03 -18.10
CA HIS A 312 4.67 -11.16 -17.46
C HIS A 312 5.56 -12.39 -17.44
N ASP A 313 5.60 -13.06 -16.30
CA ASP A 313 6.41 -14.26 -16.12
C ASP A 313 5.74 -15.06 -15.01
N PRO A 314 4.97 -16.08 -15.37
CA PRO A 314 4.20 -16.82 -14.34
C PRO A 314 5.06 -17.46 -13.27
N ASP A 315 6.33 -17.79 -13.58
CA ASP A 315 7.22 -18.39 -12.60
C ASP A 315 7.70 -17.39 -11.57
N ASP A 316 7.45 -16.10 -11.79
CA ASP A 316 7.95 -15.04 -10.92
C ASP A 316 6.81 -14.16 -10.44
N GLU A 317 5.61 -14.75 -10.28
CA GLU A 317 4.44 -14.03 -9.78
C GLU A 317 3.84 -14.87 -8.66
N PRO A 318 4.55 -15.01 -7.56
CA PRO A 318 4.16 -16.02 -6.56
C PRO A 318 3.00 -15.57 -5.68
N VAL A 319 2.41 -16.56 -5.03
CA VAL A 319 1.41 -16.34 -3.99
C VAL A 319 2.05 -16.45 -2.62
N ALA A 320 1.31 -16.06 -1.59
CA ALA A 320 1.82 -16.05 -0.23
C ALA A 320 1.51 -17.35 0.49
N ASP A 321 2.33 -17.65 1.49
CA ASP A 321 1.98 -18.71 2.43
C ASP A 321 0.72 -18.30 3.19
N PRO A 322 -0.05 -19.28 3.66
CA PRO A 322 -1.26 -18.94 4.43
C PRO A 322 -0.94 -18.05 5.62
N TYR A 323 -1.84 -17.11 5.87
CA TYR A 323 -1.64 -16.10 6.90
C TYR A 323 -2.77 -16.23 7.93
N ASP A 324 -2.40 -16.51 9.17
CA ASP A 324 -3.35 -16.73 10.26
C ASP A 324 -3.71 -15.39 10.89
N GLN A 325 -4.92 -14.91 10.59
CA GLN A 325 -5.44 -13.65 11.12
C GLN A 325 -6.48 -13.85 12.22
N SER A 326 -6.50 -15.02 12.86
CA SER A 326 -7.52 -15.26 13.88
C SER A 326 -7.44 -14.25 15.02
N PHE A 327 -6.25 -13.68 15.27
CA PHE A 327 -6.11 -12.70 16.33
C PHE A 327 -7.00 -11.48 16.11
N GLU A 328 -7.41 -11.21 14.87
CA GLU A 328 -8.15 -9.98 14.60
C GLU A 328 -9.49 -9.96 15.32
N SER A 329 -10.10 -11.13 15.54
CA SER A 329 -11.40 -11.15 16.20
C SER A 329 -11.30 -11.08 17.72
N ARG A 330 -10.10 -11.10 18.28
CA ARG A 330 -9.90 -11.23 19.72
C ARG A 330 -9.67 -9.86 20.37
N ASP A 331 -10.31 -9.65 21.51
CA ASP A 331 -9.99 -8.52 22.40
C ASP A 331 -9.11 -9.07 23.51
N LEU A 332 -7.88 -8.58 23.60
CA LEU A 332 -6.95 -8.93 24.67
C LEU A 332 -6.55 -7.67 25.41
N LEU A 333 -5.95 -7.86 26.59
CA LEU A 333 -5.48 -6.70 27.35
C LEU A 333 -4.20 -6.14 26.73
N ILE A 334 -3.90 -4.88 27.05
CA ILE A 334 -2.71 -4.24 26.47
C ILE A 334 -1.46 -5.07 26.73
N ASP A 335 -1.31 -5.55 27.98
CA ASP A 335 -0.10 -6.30 28.30
C ASP A 335 -0.04 -7.62 27.55
N GLU A 336 -1.19 -8.17 27.15
CA GLU A 336 -1.19 -9.39 26.35
C GLU A 336 -0.75 -9.11 24.91
N TRP A 337 -1.28 -8.05 24.29
CA TRP A 337 -0.76 -7.64 22.99
C TRP A 337 0.71 -7.31 23.08
N LYS A 338 1.14 -6.68 24.18
CA LYS A 338 2.54 -6.32 24.33
C LYS A 338 3.43 -7.56 24.40
N SER A 339 3.01 -8.55 25.17
CA SER A 339 3.80 -9.78 25.30
C SER A 339 3.83 -10.54 23.98
N LEU A 340 2.70 -10.61 23.29
CA LEU A 340 2.69 -11.26 21.98
C LEU A 340 3.63 -10.54 21.02
N THR A 341 3.63 -9.21 21.06
CA THR A 341 4.52 -8.44 20.19
C THR A 341 5.97 -8.71 20.54
N TYR A 342 6.29 -8.72 21.84
CA TYR A 342 7.65 -9.06 22.26
C TYR A 342 8.06 -10.43 21.75
N ASP A 343 7.17 -11.42 21.86
CA ASP A 343 7.44 -12.75 21.32
C ASP A 343 7.82 -12.68 19.84
N GLU A 344 7.08 -11.88 19.06
CA GLU A 344 7.35 -11.78 17.63
C GLU A 344 8.65 -11.04 17.35
N VAL A 345 9.01 -10.07 18.18
CA VAL A 345 10.33 -9.43 18.05
C VAL A 345 11.43 -10.47 18.26
N ILE A 346 11.32 -11.25 19.33
CA ILE A 346 12.39 -12.17 19.72
C ILE A 346 12.51 -13.32 18.73
N SER A 347 11.41 -13.77 18.15
CA SER A 347 11.44 -14.92 17.26
C SER A 347 11.80 -14.55 15.83
N PHE A 348 11.95 -13.26 15.53
CA PHE A 348 12.21 -12.86 14.16
C PHE A 348 13.52 -13.46 13.66
N VAL A 349 13.49 -14.01 12.46
CA VAL A 349 14.66 -14.58 11.80
C VAL A 349 14.99 -13.73 10.58
N PRO A 350 16.10 -13.00 10.57
CA PRO A 350 16.41 -12.16 9.41
C PRO A 350 16.60 -13.02 8.17
N PRO A 351 16.12 -12.55 7.03
CA PRO A 351 16.27 -13.31 5.79
C PRO A 351 17.72 -13.27 5.32
N PRO A 352 18.10 -14.20 4.44
CA PRO A 352 19.41 -14.09 3.79
C PRO A 352 19.48 -12.79 3.01
N LEU A 353 20.71 -12.26 2.90
CA LEU A 353 20.90 -11.03 2.14
C LEU A 353 20.53 -11.24 0.67
N ASP A 354 20.87 -12.41 0.12
CA ASP A 354 20.55 -12.74 -1.27
C ASP A 354 19.55 -13.90 -1.23
N GLN A 355 18.29 -13.61 -1.58
CA GLN A 355 17.25 -14.63 -1.61
C GLN A 355 16.75 -14.95 -3.01
N GLU A 356 17.49 -14.58 -4.05
CA GLU A 356 17.01 -14.79 -5.41
C GLU A 356 18.07 -15.47 -6.25
N GLU A 357 17.62 -16.12 -7.33
CA GLU A 357 18.51 -16.82 -8.24
C GLU A 357 18.08 -16.60 -9.68
N MET A 358 19.01 -16.81 -10.61
CA MET A 358 18.73 -16.65 -12.03
C MET A 358 17.62 -17.61 -12.44
N GLU A 359 16.76 -17.15 -13.36
CA GLU A 359 15.56 -17.90 -13.74
C GLU A 359 15.85 -19.15 -14.59
CA1 SB4 B . 7.09 5.62 2.37
CA2 SB4 B . 7.33 6.75 1.40
NA3 SB4 B . 6.96 8.04 2.00
CA4 SB4 B . 7.76 8.32 3.21
CA5 SB4 B . 7.55 7.22 4.24
CA6 SB4 B . 7.88 5.87 3.64
CB1 SB4 B . 9.95 1.67 6.91
CB2 SB4 B . 10.44 0.53 7.54
CB3 SB4 B . 9.59 -0.52 7.74
CB4 SB4 B . 8.29 -0.50 7.33
CB5 SB4 B . 7.79 0.63 6.71
CB6 SB4 B . 8.62 1.73 6.48
FB7 SB4 B . 10.09 -1.64 8.35
CC1 SB4 B . 10.25 2.26 3.58
CC2 SB4 B . 9.85 3.53 4.00
NC3 SB4 B . 10.54 4.63 3.65
CC4 SB4 B . 11.62 4.46 2.85
NC5 SB4 B . 12.07 3.27 2.42
CC6 SB4 B . 11.37 2.19 2.79
NC7 SB4 B . 12.30 5.55 2.51
ND1 SB4 B . 7.76 4.78 4.61
CD2 SB4 B . 6.75 4.61 5.51
ND3 SB4 B . 6.92 3.53 6.24
CD4 SB4 B . 8.12 2.96 5.82
CD5 SB4 B . 8.64 3.72 4.81
CA CA C . 21.25 -14.17 -6.20
CA CA D . 11.54 -13.12 -15.58
CA CA E . 11.25 -19.48 -15.78
CA CA F . -11.69 -2.74 -24.96
CL CL G . -1.32 9.57 -2.63
N1 OFW H . -10.38 14.39 -17.09
N3 OFW H . -5.22 11.92 -22.85
C4 OFW H . -10.02 13.94 -18.30
C5 OFW H . -11.72 14.88 -16.80
C6 OFW H . -12.45 13.93 -15.84
C7 OFW H . -13.94 14.33 -15.68
C8 OFW H . -14.66 14.24 -17.03
C10 OFW H . -15.29 11.87 -16.56
C13 OFW H . -13.11 11.53 -15.38
C15 OFW H . -13.14 12.39 -17.72
C17 OFW H . -5.84 14.02 -21.92
O2 OFW H . -7.77 13.73 -17.36
S OFW H . -7.11 15.15 -21.48
O1 OFW H . -8.26 14.88 -22.29
C1 OFW H . -8.66 13.21 -18.37
C2 OFW H . -7.34 15.09 -17.55
C18 OFW H . -6.14 12.85 -22.57
C3 OFW H . -6.63 15.26 -18.88
N2 OFW H . -11.78 13.95 -14.53
C16 OFW H . -8.91 11.75 -18.06
N4 OFW H . -2.99 11.15 -22.82
C14 OFW H . -12.42 12.47 -16.38
C12 OFW H . -14.64 13.38 -14.69
C11 OFW H . -14.57 11.95 -15.21
C9 OFW H . -14.60 12.80 -17.56
N OFW H . -7.54 14.78 -19.95
C OFW H . -7.99 13.41 -19.72
O OFW H . -6.56 16.47 -21.44
C19 OFW H . -3.96 12.16 -22.48
C20 OFW H . -3.16 9.79 -22.56
C21 OFW H . -1.97 9.05 -23.10
C22 OFW H . -1.07 10.13 -23.70
C23 OFW H . -1.79 11.43 -23.46
C24 OFW H . -3.56 13.32 -21.83
C25 OFW H . -4.53 14.27 -21.55
O3 OFW H . -10.72 14.03 -19.29
O4 OFW H . -4.14 9.31 -21.99
O5 OFW H . -1.42 12.55 -23.76
#